data_4UG3
#
_entry.id   4UG3
#
_cell.length_a   51.672
_cell.length_b   39.893
_cell.length_c   77.277
_cell.angle_alpha   90.00
_cell.angle_beta   103.28
_cell.angle_gamma   90.00
#
_symmetry.space_group_name_H-M   'P 1 21 1'
#
loop_
_entity.id
_entity.type
_entity.pdbx_description
1 polymer 'CELL CYCLE PROTEIN GPSB'
2 water water
#
_entity_poly.entity_id   1
_entity_poly.type   'polypeptide(L)'
_entity_poly.pdbx_seq_one_letter_code
;GSHMLADKVKLSAKEILEKEFKTGVRGYKQEDVDKFLDMIIKDYETFHQEIEELQQENLQLKKQLEEASKK
;
_entity_poly.pdbx_strand_id   A,B,C,D
#
# COMPACT_ATOMS: atom_id res chain seq x y z
N SER A 2 25.39 -25.47 -17.83
CA SER A 2 25.14 -25.09 -19.23
C SER A 2 23.71 -24.68 -19.59
N HIS A 3 22.74 -24.90 -18.70
CA HIS A 3 21.32 -25.01 -19.11
C HIS A 3 20.44 -23.73 -18.92
N MET A 4 19.14 -23.86 -19.20
CA MET A 4 18.13 -22.81 -18.98
C MET A 4 18.07 -22.31 -17.54
N LEU A 5 17.62 -21.07 -17.42
CA LEU A 5 17.45 -20.40 -16.15
C LEU A 5 16.00 -20.55 -15.68
N ALA A 6 15.79 -21.34 -14.62
CA ALA A 6 14.51 -21.35 -13.87
C ALA A 6 14.10 -19.93 -13.42
N ASP A 7 12.79 -19.67 -13.30
CA ASP A 7 12.35 -18.48 -12.56
C ASP A 7 12.96 -18.70 -11.18
N LYS A 8 13.95 -17.88 -10.84
CA LYS A 8 14.79 -18.12 -9.67
C LYS A 8 14.08 -17.69 -8.37
N VAL A 9 13.10 -16.82 -8.50
CA VAL A 9 12.18 -16.47 -7.43
C VAL A 9 11.27 -17.66 -7.08
N LYS A 10 11.38 -18.11 -5.84
CA LYS A 10 10.68 -19.29 -5.32
C LYS A 10 9.18 -19.12 -5.05
N LEU A 11 8.72 -17.91 -4.73
CA LEU A 11 7.33 -17.65 -4.32
C LEU A 11 6.72 -16.47 -5.05
N SER A 12 5.40 -16.39 -5.03
CA SER A 12 4.69 -15.22 -5.53
C SER A 12 3.86 -14.57 -4.42
N ALA A 13 3.42 -13.35 -4.69
CA ALA A 13 2.53 -12.60 -3.80
C ALA A 13 1.24 -13.34 -3.48
N LYS A 14 0.73 -14.09 -4.46
CA LYS A 14 -0.43 -14.96 -4.25
C LYS A 14 -0.08 -16.07 -3.25
N GLU A 15 1.01 -16.78 -3.49
CA GLU A 15 1.38 -17.90 -2.62
C GLU A 15 1.62 -17.49 -1.15
N ILE A 16 2.16 -16.30 -0.92
CA ILE A 16 2.42 -15.83 0.44
C ILE A 16 1.11 -15.58 1.15
N LEU A 17 0.24 -14.81 0.50
CA LEU A 17 -1.09 -14.54 1.00
C LEU A 17 -1.88 -15.83 1.26
N GLU A 18 -1.76 -16.81 0.38
CA GLU A 18 -2.52 -18.06 0.54
C GLU A 18 -1.99 -19.02 1.59
N LYS A 19 -0.71 -18.97 1.90
CA LYS A 19 -0.06 -19.94 2.80
C LYS A 19 -0.75 -20.09 4.15
N GLU A 20 -1.05 -21.34 4.54
CA GLU A 20 -1.64 -21.69 5.85
C GLU A 20 -0.66 -22.53 6.65
N PHE A 21 -0.48 -22.21 7.93
CA PHE A 21 0.50 -22.92 8.75
C PHE A 21 -0.20 -23.82 9.76
N LYS A 22 0.41 -24.96 10.06
CA LYS A 22 -0.01 -25.73 11.22
C LYS A 22 0.09 -24.87 12.46
N THR A 23 -0.73 -25.22 13.44
CA THR A 23 -0.66 -24.67 14.79
C THR A 23 -0.01 -25.68 15.77
N GLY A 24 0.54 -25.15 16.85
CA GLY A 24 0.96 -25.95 17.99
C GLY A 24 0.24 -25.46 19.20
N VAL A 25 0.23 -26.24 20.26
CA VAL A 25 -0.24 -25.75 21.57
C VAL A 25 0.36 -24.36 21.95
N ARG A 26 1.51 -23.97 21.40
CA ARG A 26 2.00 -22.58 21.40
C ARG A 26 2.90 -22.39 20.21
N GLY A 27 2.73 -21.28 19.50
CA GLY A 27 3.68 -20.88 18.44
C GLY A 27 3.61 -19.37 18.22
N TYR A 28 3.99 -18.89 17.04
CA TYR A 28 3.94 -17.47 16.77
C TYR A 28 2.48 -16.98 16.73
N LYS A 29 2.22 -15.88 17.46
CA LYS A 29 0.93 -15.21 17.43
C LYS A 29 0.57 -14.87 15.99
N GLN A 30 -0.61 -15.29 15.57
CA GLN A 30 -0.98 -15.35 14.16
C GLN A 30 -1.11 -13.99 13.56
N GLU A 31 -1.67 -13.09 14.35
CA GLU A 31 -1.98 -11.74 13.92
C GLU A 31 -0.71 -10.98 13.58
N ASP A 32 0.34 -11.15 14.39
CA ASP A 32 1.68 -10.59 14.10
C ASP A 32 2.39 -11.16 12.89
N VAL A 33 2.18 -12.45 12.62
CA VAL A 33 2.78 -13.09 11.46
C VAL A 33 2.06 -12.66 10.20
N ASP A 34 0.75 -12.55 10.27
CA ASP A 34 -0.03 -12.17 9.11
C ASP A 34 0.25 -10.73 8.75
N LYS A 35 0.55 -9.89 9.74
CA LYS A 35 0.83 -8.46 9.48
C LYS A 35 2.17 -8.33 8.83
N PHE A 36 3.17 -8.98 9.40
CA PHE A 36 4.49 -9.02 8.86
C PHE A 36 4.45 -9.55 7.40
N LEU A 37 3.65 -10.59 7.15
CA LEU A 37 3.49 -11.10 5.78
C LEU A 37 2.89 -10.09 4.80
N ASP A 38 2.04 -9.18 5.30
CA ASP A 38 1.55 -8.06 4.50
C ASP A 38 2.64 -7.09 4.10
N MET A 39 3.51 -6.72 5.03
CA MET A 39 4.67 -5.91 4.66
C MET A 39 5.45 -6.58 3.52
N ILE A 40 5.63 -7.90 3.62
CA ILE A 40 6.45 -8.64 2.66
C ILE A 40 5.85 -8.58 1.25
N ILE A 41 4.54 -8.83 1.18
CA ILE A 41 3.75 -8.73 -0.05
C ILE A 41 3.90 -7.38 -0.71
N LYS A 42 3.94 -6.32 0.10
CA LYS A 42 4.18 -4.99 -0.42
C LYS A 42 5.55 -4.90 -1.03
N ASP A 43 6.55 -5.45 -0.35
CA ASP A 43 7.91 -5.46 -0.86
C ASP A 43 8.05 -6.23 -2.19
N TYR A 44 7.39 -7.39 -2.31
CA TYR A 44 7.35 -8.17 -3.57
C TYR A 44 6.77 -7.39 -4.75
N GLU A 45 5.70 -6.65 -4.48
CA GLU A 45 5.09 -5.81 -5.49
C GLU A 45 6.07 -4.68 -5.87
N THR A 46 6.66 -4.07 -4.84
CA THR A 46 7.61 -2.95 -4.99
C THR A 46 8.85 -3.34 -5.78
N PHE A 47 9.26 -4.60 -5.68
CA PHE A 47 10.47 -5.08 -6.33
C PHE A 47 10.26 -5.34 -7.81
N HIS A 48 9.07 -5.84 -8.14
CA HIS A 48 8.73 -6.17 -9.52
C HIS A 48 8.61 -4.90 -10.32
N GLN A 49 7.90 -3.93 -9.76
CA GLN A 49 7.79 -2.60 -10.34
C GLN A 49 9.15 -1.96 -10.57
N GLU A 50 10.04 -2.10 -9.60
CA GLU A 50 11.40 -1.60 -9.76
C GLU A 50 12.07 -2.23 -10.99
N ILE A 51 11.93 -3.54 -11.14
CA ILE A 51 12.61 -4.28 -12.20
C ILE A 51 12.05 -3.92 -13.57
N GLU A 52 10.72 -3.97 -13.66
CA GLU A 52 9.96 -3.55 -14.81
C GLU A 52 10.43 -2.18 -15.34
N GLU A 53 10.55 -1.24 -14.42
CA GLU A 53 11.01 0.10 -14.76
C GLU A 53 12.46 0.13 -15.26
N LEU A 54 13.38 -0.53 -14.57
CA LEU A 54 14.76 -0.54 -15.03
C LEU A 54 14.93 -1.27 -16.40
N GLN A 55 14.14 -2.32 -16.65
CA GLN A 55 14.11 -2.95 -17.98
C GLN A 55 13.65 -1.99 -19.07
N GLN A 56 12.47 -1.38 -18.90
CA GLN A 56 11.96 -0.37 -19.84
C GLN A 56 12.93 0.79 -20.05
N GLU A 57 13.53 1.27 -18.97
CA GLU A 57 14.48 2.34 -19.06
C GLU A 57 15.75 1.92 -19.82
N ASN A 58 16.19 0.67 -19.67
CA ASN A 58 17.37 0.17 -20.42
C ASN A 58 17.05 -0.12 -21.90
N LEU A 59 15.81 -0.49 -22.19
CA LEU A 59 15.34 -0.63 -23.57
C LEU A 59 15.22 0.71 -24.27
N GLN A 60 14.65 1.72 -23.59
CA GLN A 60 14.66 3.11 -24.07
C GLN A 60 16.07 3.54 -24.49
N LEU A 61 17.04 3.32 -23.60
CA LEU A 61 18.41 3.82 -23.80
C LEU A 61 19.09 3.23 -25.03
N LYS A 62 18.74 1.97 -25.33
CA LYS A 62 19.30 1.26 -26.47
C LYS A 62 18.70 1.70 -27.80
N LYS A 63 17.41 2.05 -27.81
CA LYS A 63 16.77 2.67 -28.98
C LYS A 63 17.59 3.90 -29.41
N GLN A 64 17.81 4.80 -28.46
CA GLN A 64 18.63 6.00 -28.66
C GLN A 64 20.07 5.71 -29.17
N LEU A 65 20.65 4.58 -28.79
CA LEU A 65 21.97 4.14 -29.29
C LEU A 65 22.07 3.66 -30.76
N GLU A 66 20.96 3.50 -31.48
CA GLU A 66 21.04 3.05 -32.87
C GLU A 66 21.60 4.13 -33.81
N GLU A 67 21.65 5.38 -33.34
CA GLU A 67 21.98 6.54 -34.16
C GLU A 67 23.48 6.84 -34.13
N LYS B 8 8.98 3.62 0.16
CA LYS B 8 9.75 2.66 -0.69
C LYS B 8 9.71 1.25 -0.04
N VAL B 9 10.85 0.58 0.08
CA VAL B 9 10.91 -0.76 0.67
C VAL B 9 10.76 -0.69 2.21
N LYS B 10 9.97 -1.61 2.76
CA LYS B 10 9.61 -1.67 4.17
C LYS B 10 10.42 -2.67 5.00
N LEU B 11 11.15 -3.59 4.38
CA LEU B 11 11.98 -4.55 5.12
C LEU B 11 13.32 -4.82 4.43
N SER B 12 14.32 -5.23 5.20
CA SER B 12 15.52 -5.84 4.68
C SER B 12 15.57 -7.32 5.08
N ALA B 13 16.44 -8.06 4.42
CA ALA B 13 16.78 -9.42 4.81
C ALA B 13 17.11 -9.47 6.30
N LYS B 14 18.02 -8.59 6.71
CA LYS B 14 18.47 -8.53 8.10
C LYS B 14 17.29 -8.41 9.06
N GLU B 15 16.29 -7.60 8.70
CA GLU B 15 15.16 -7.40 9.60
C GLU B 15 14.32 -8.66 9.67
N ILE B 16 14.07 -9.29 8.53
CA ILE B 16 13.31 -10.57 8.52
C ILE B 16 14.06 -11.67 9.32
N LEU B 17 15.36 -11.83 9.06
CA LEU B 17 16.22 -12.72 9.85
C LEU B 17 16.08 -12.55 11.39
N GLU B 18 16.07 -11.31 11.83
CA GLU B 18 16.17 -10.97 13.24
C GLU B 18 14.84 -10.90 13.96
N LYS B 19 13.73 -10.80 13.23
CA LYS B 19 12.38 -10.68 13.81
C LYS B 19 11.98 -11.79 14.81
N GLU B 20 11.46 -11.37 15.96
CA GLU B 20 11.09 -12.25 17.05
C GLU B 20 9.65 -12.07 17.40
N PHE B 21 8.79 -12.95 16.90
CA PHE B 21 7.35 -12.81 17.10
C PHE B 21 6.94 -13.07 18.55
N LYS B 22 5.80 -12.47 18.92
CA LYS B 22 5.12 -12.83 20.17
C LYS B 22 4.50 -14.22 19.97
N THR B 23 4.46 -15.00 21.05
CA THR B 23 3.80 -16.31 21.08
C THR B 23 2.47 -16.35 21.86
N GLY B 24 1.42 -16.87 21.25
CA GLY B 24 0.11 -17.07 21.87
C GLY B 24 -0.18 -18.55 22.00
N VAL B 25 -1.35 -18.87 22.57
CA VAL B 25 -1.65 -20.24 22.97
C VAL B 25 -2.06 -21.13 21.82
N ARG B 26 -2.58 -20.60 20.72
CA ARG B 26 -2.75 -21.52 19.56
C ARG B 26 -2.23 -20.78 18.36
N GLY B 27 -0.97 -20.41 18.46
CA GLY B 27 -0.25 -19.74 17.39
C GLY B 27 0.29 -20.74 16.39
N TYR B 28 0.88 -20.19 15.33
CA TYR B 28 1.44 -20.96 14.19
C TYR B 28 2.65 -21.75 14.65
N LYS B 29 2.84 -22.94 14.11
CA LYS B 29 4.08 -23.70 14.34
C LYS B 29 5.31 -22.86 13.96
N GLN B 30 6.26 -22.75 14.88
CA GLN B 30 7.41 -21.87 14.67
C GLN B 30 8.35 -22.34 13.54
N GLU B 31 8.54 -23.64 13.42
CA GLU B 31 9.37 -24.27 12.38
C GLU B 31 8.83 -23.96 10.98
N ASP B 32 7.50 -24.04 10.83
CA ASP B 32 6.89 -23.87 9.52
C ASP B 32 7.08 -22.43 9.08
N VAL B 33 6.91 -21.50 10.01
CA VAL B 33 7.07 -20.07 9.74
C VAL B 33 8.53 -19.70 9.39
N ASP B 34 9.48 -20.24 10.15
CA ASP B 34 10.88 -19.98 9.90
C ASP B 34 11.28 -20.45 8.48
N LYS B 35 10.87 -21.67 8.12
CA LYS B 35 11.18 -22.22 6.78
C LYS B 35 10.62 -21.37 5.64
N PHE B 36 9.41 -20.84 5.85
CA PHE B 36 8.79 -19.99 4.86
C PHE B 36 9.48 -18.62 4.84
N LEU B 37 9.70 -18.04 6.01
CA LEU B 37 10.49 -16.79 6.11
C LEU B 37 11.87 -16.92 5.44
N ASP B 38 12.48 -18.08 5.64
CA ASP B 38 13.74 -18.40 5.03
C ASP B 38 13.70 -18.43 3.51
N MET B 39 12.60 -18.97 2.95
CA MET B 39 12.36 -18.87 1.50
C MET B 39 12.29 -17.42 1.07
N ILE B 40 11.41 -16.67 1.69
CA ILE B 40 11.26 -15.25 1.40
C ILE B 40 12.57 -14.46 1.45
N ILE B 41 13.43 -14.73 2.44
CA ILE B 41 14.70 -14.05 2.55
C ILE B 41 15.52 -14.25 1.27
N LYS B 42 15.65 -15.49 0.82
CA LYS B 42 16.39 -15.80 -0.40
C LYS B 42 15.83 -15.11 -1.64
N ASP B 43 14.52 -14.92 -1.67
CA ASP B 43 13.88 -14.15 -2.72
C ASP B 43 14.29 -12.67 -2.65
N TYR B 44 14.37 -12.11 -1.43
CA TYR B 44 14.79 -10.73 -1.28
C TYR B 44 16.16 -10.57 -1.89
N GLU B 45 17.00 -11.57 -1.72
CA GLU B 45 18.38 -11.52 -2.19
C GLU B 45 18.42 -11.53 -3.69
N THR B 46 17.62 -12.42 -4.25
CA THR B 46 17.46 -12.57 -5.70
C THR B 46 17.00 -11.28 -6.37
N PHE B 47 15.97 -10.67 -5.79
CA PHE B 47 15.44 -9.40 -6.24
C PHE B 47 16.50 -8.31 -6.31
N HIS B 48 17.37 -8.26 -5.32
CA HIS B 48 18.39 -7.20 -5.28
C HIS B 48 19.48 -7.36 -6.34
N GLN B 49 19.90 -8.59 -6.60
CA GLN B 49 20.86 -8.88 -7.66
C GLN B 49 20.34 -8.53 -9.03
N GLU B 50 19.08 -8.88 -9.23
CA GLU B 50 18.35 -8.57 -10.44
C GLU B 50 18.37 -7.07 -10.69
N ILE B 51 18.12 -6.33 -9.63
CA ILE B 51 18.06 -4.87 -9.67
C ILE B 51 19.44 -4.27 -9.88
N GLU B 52 20.43 -4.79 -9.16
CA GLU B 52 21.78 -4.25 -9.21
C GLU B 52 22.39 -4.40 -10.58
N GLU B 53 22.11 -5.50 -11.25
CA GLU B 53 22.61 -5.72 -12.61
C GLU B 53 21.87 -4.95 -13.69
N LEU B 54 20.65 -4.53 -13.40
CA LEU B 54 19.95 -3.60 -14.26
C LEU B 54 20.37 -2.16 -13.96
N GLN B 55 20.73 -1.86 -12.70
CA GLN B 55 21.35 -0.57 -12.36
C GLN B 55 22.70 -0.42 -13.01
N GLN B 56 23.54 -1.46 -12.90
CA GLN B 56 24.85 -1.53 -13.58
C GLN B 56 24.74 -1.25 -15.05
N GLU B 57 23.90 -2.02 -15.73
CA GLU B 57 23.66 -1.88 -17.16
C GLU B 57 23.10 -0.48 -17.51
N ASN B 58 22.21 0.04 -16.65
CA ASN B 58 21.67 1.39 -16.82
C ASN B 58 22.76 2.46 -16.91
N LEU B 59 23.67 2.44 -15.93
CA LEU B 59 24.86 3.30 -15.92
C LEU B 59 25.85 3.07 -17.10
N GLN B 60 26.03 1.82 -17.51
CA GLN B 60 26.85 1.53 -18.69
C GLN B 60 26.23 2.02 -19.99
N LEU B 61 24.91 2.20 -20.03
CA LEU B 61 24.26 2.75 -21.23
C LEU B 61 24.28 4.27 -21.26
N LYS B 62 24.27 4.91 -20.08
CA LYS B 62 24.41 6.36 -19.98
C LYS B 62 25.82 6.85 -20.34
N LYS B 63 26.82 6.00 -20.07
CA LYS B 63 28.19 6.27 -20.47
C LYS B 63 28.27 6.22 -21.99
N GLN B 64 27.82 5.10 -22.56
CA GLN B 64 27.87 4.91 -24.01
C GLN B 64 27.12 5.99 -24.78
N LEU B 65 26.08 6.57 -24.16
CA LEU B 65 25.32 7.68 -24.77
C LEU B 65 26.00 9.05 -24.73
N GLU B 66 26.82 9.31 -23.71
CA GLU B 66 27.65 10.52 -23.72
C GLU B 66 28.91 10.37 -24.62
N GLU B 67 29.10 9.17 -25.20
CA GLU B 67 30.22 8.83 -26.06
C GLU B 67 29.70 8.20 -27.37
N MET C 4 0.76 17.57 16.18
CA MET C 4 -0.02 16.31 16.26
C MET C 4 -1.12 16.25 15.21
N LEU C 5 -1.44 15.02 14.75
CA LEU C 5 -2.48 14.75 13.73
C LEU C 5 -3.86 15.33 14.11
N ALA C 6 -4.43 14.85 15.22
CA ALA C 6 -5.79 15.24 15.66
C ALA C 6 -6.04 16.75 15.78
N ASP C 7 -4.97 17.54 15.95
CA ASP C 7 -5.01 19.00 15.79
C ASP C 7 -5.32 19.41 14.31
N LYS C 8 -4.75 18.71 13.33
CA LYS C 8 -4.89 19.05 11.88
C LYS C 8 -6.13 18.48 11.18
N VAL C 9 -6.64 17.38 11.70
CA VAL C 9 -7.68 16.62 11.05
C VAL C 9 -8.99 17.23 11.44
N LYS C 10 -9.84 17.47 10.45
CA LYS C 10 -11.16 18.04 10.69
C LYS C 10 -12.23 17.02 11.11
N LEU C 11 -12.35 15.94 10.35
CA LEU C 11 -13.39 14.90 10.57
C LEU C 11 -12.83 13.53 10.96
N SER C 12 -13.72 12.68 11.49
CA SER C 12 -13.49 11.24 11.65
C SER C 12 -14.42 10.40 10.76
N ALA C 13 -14.12 9.11 10.61
CA ALA C 13 -15.01 8.18 9.88
C ALA C 13 -16.47 8.18 10.41
N LYS C 14 -16.61 8.36 11.72
CA LYS C 14 -17.91 8.35 12.38
C LYS C 14 -18.71 9.61 12.05
N GLU C 15 -18.07 10.78 12.11
CA GLU C 15 -18.76 12.05 11.80
C GLU C 15 -19.26 12.08 10.35
N ILE C 16 -18.52 11.46 9.44
CA ILE C 16 -18.93 11.35 8.04
C ILE C 16 -20.09 10.38 7.91
N LEU C 17 -20.05 9.28 8.63
CA LEU C 17 -21.17 8.34 8.67
C LEU C 17 -22.42 9.00 9.30
N GLU C 18 -22.19 9.87 10.27
CA GLU C 18 -23.28 10.53 10.98
C GLU C 18 -23.84 11.79 10.34
N LYS C 19 -23.07 12.38 9.44
CA LYS C 19 -23.45 13.63 8.80
C LYS C 19 -24.76 13.51 8.02
N GLU C 20 -25.58 14.55 8.08
CA GLU C 20 -26.88 14.58 7.39
C GLU C 20 -27.05 15.94 6.72
N PHE C 21 -27.51 15.93 5.49
CA PHE C 21 -27.66 17.16 4.73
C PHE C 21 -29.15 17.40 4.59
N LYS C 22 -29.51 18.68 4.48
CA LYS C 22 -30.83 19.08 4.03
C LYS C 22 -31.01 18.57 2.60
N THR C 23 -32.23 18.70 2.11
CA THR C 23 -32.58 18.31 0.76
C THR C 23 -33.43 19.39 0.10
N GLY C 24 -33.25 19.58 -1.20
CA GLY C 24 -34.12 20.43 -1.97
C GLY C 24 -35.13 19.62 -2.75
N VAL C 25 -36.08 20.34 -3.37
CA VAL C 25 -36.97 19.79 -4.40
C VAL C 25 -36.11 19.09 -5.44
N ARG C 26 -34.97 19.71 -5.74
CA ARG C 26 -33.94 19.07 -6.54
C ARG C 26 -32.55 19.29 -5.90
N GLY C 27 -31.79 18.21 -5.73
CA GLY C 27 -30.40 18.29 -5.23
C GLY C 27 -29.54 17.21 -5.86
N TYR C 28 -28.35 16.98 -5.29
CA TYR C 28 -27.52 15.85 -5.73
C TYR C 28 -28.24 14.58 -5.35
N LYS C 29 -28.23 13.62 -6.25
CA LYS C 29 -28.93 12.36 -6.09
C LYS C 29 -28.36 11.57 -4.90
N GLN C 30 -29.22 11.26 -3.94
CA GLN C 30 -28.82 10.75 -2.63
C GLN C 30 -27.98 9.48 -2.68
N GLU C 31 -28.39 8.57 -3.55
CA GLU C 31 -27.82 7.24 -3.66
C GLU C 31 -26.35 7.35 -4.05
N ASP C 32 -26.06 8.21 -5.04
CA ASP C 32 -24.68 8.50 -5.51
C ASP C 32 -23.77 9.10 -4.44
N VAL C 33 -24.33 10.06 -3.71
CA VAL C 33 -23.62 10.71 -2.61
C VAL C 33 -23.32 9.72 -1.48
N ASP C 34 -24.25 8.81 -1.21
CA ASP C 34 -24.09 7.87 -0.10
C ASP C 34 -22.93 6.91 -0.34
N LYS C 35 -22.88 6.35 -1.56
CA LYS C 35 -21.79 5.46 -2.01
C LYS C 35 -20.43 6.12 -2.02
N PHE C 36 -20.38 7.33 -2.59
CA PHE C 36 -19.13 8.10 -2.64
C PHE C 36 -18.64 8.40 -1.24
N LEU C 37 -19.56 8.69 -0.34
CA LEU C 37 -19.21 8.84 1.08
C LEU C 37 -18.67 7.53 1.68
N ASP C 38 -19.37 6.42 1.46
CA ASP C 38 -18.87 5.11 1.90
C ASP C 38 -17.41 4.83 1.45
N MET C 39 -17.09 5.12 0.19
CA MET C 39 -15.73 4.97 -0.31
C MET C 39 -14.77 5.85 0.44
N ILE C 40 -15.14 7.12 0.62
CA ILE C 40 -14.36 8.05 1.43
C ILE C 40 -14.17 7.50 2.84
N ILE C 41 -15.22 6.96 3.43
CA ILE C 41 -15.08 6.39 4.78
C ILE C 41 -14.02 5.29 4.80
N LYS C 42 -14.05 4.39 3.81
CA LYS C 42 -13.04 3.34 3.69
C LYS C 42 -11.64 3.92 3.60
N ASP C 43 -11.46 4.96 2.80
CA ASP C 43 -10.16 5.58 2.61
C ASP C 43 -9.66 6.24 3.89
N TYR C 44 -10.57 6.77 4.71
CA TYR C 44 -10.21 7.29 6.06
C TYR C 44 -9.66 6.19 6.99
N GLU C 45 -10.34 5.05 7.01
CA GLU C 45 -9.90 3.85 7.75
C GLU C 45 -8.57 3.27 7.22
N THR C 46 -8.35 3.31 5.92
CA THR C 46 -7.07 2.88 5.34
C THR C 46 -5.98 3.88 5.71
N PHE C 47 -6.25 5.17 5.51
CA PHE C 47 -5.31 6.24 5.89
C PHE C 47 -4.81 6.11 7.33
N HIS C 48 -5.70 5.81 8.27
CA HIS C 48 -5.32 5.73 9.68
C HIS C 48 -4.43 4.52 9.99
N GLN C 49 -4.80 3.36 9.46
CA GLN C 49 -4.00 2.13 9.60
C GLN C 49 -2.60 2.27 9.03
N GLU C 50 -2.52 2.82 7.84
CA GLU C 50 -1.26 3.26 7.26
C GLU C 50 -0.42 4.08 8.25
N ILE C 51 -1.05 5.09 8.85
CA ILE C 51 -0.36 5.99 9.77
C ILE C 51 0.05 5.27 11.07
N GLU C 52 -0.91 4.55 11.66
CA GLU C 52 -0.74 3.81 12.93
C GLU C 52 0.47 2.90 12.88
N GLU C 53 0.53 2.05 11.86
CA GLU C 53 1.60 1.09 11.73
C GLU C 53 2.97 1.76 11.50
N LEU C 54 2.97 2.88 10.77
CA LEU C 54 4.18 3.66 10.55
C LEU C 54 4.74 4.25 11.85
N GLN C 55 3.87 4.62 12.79
CA GLN C 55 4.30 5.08 14.12
C GLN C 55 4.91 3.95 14.96
N GLN C 56 4.25 2.79 14.99
CA GLN C 56 4.77 1.62 15.73
C GLN C 56 6.08 1.07 15.15
N GLU C 57 6.30 1.30 13.86
CA GLU C 57 7.57 1.00 13.23
C GLU C 57 8.70 1.84 13.84
N ASN C 58 8.46 3.14 13.97
CA ASN C 58 9.45 4.04 14.59
C ASN C 58 9.58 3.84 16.12
N LEU C 59 8.49 3.48 16.81
CA LEU C 59 8.52 3.01 18.23
C LEU C 59 9.43 1.79 18.43
N GLN C 60 9.16 0.75 17.62
CA GLN C 60 9.82 -0.57 17.61
C GLN C 60 10.03 -1.20 19.00
N LYS D 8 -4.27 0.85 -1.42
CA LYS D 8 -5.65 0.57 -0.91
C LYS D 8 -6.54 1.85 -0.70
N VAL D 9 -5.92 3.03 -0.73
CA VAL D 9 -6.66 4.31 -0.77
C VAL D 9 -7.17 4.46 -2.20
N LYS D 10 -8.48 4.39 -2.37
CA LYS D 10 -9.11 4.41 -3.70
C LYS D 10 -9.17 5.80 -4.33
N LEU D 11 -9.77 6.75 -3.61
CA LEU D 11 -10.06 8.09 -4.16
C LEU D 11 -8.87 9.01 -3.98
N SER D 12 -8.98 10.26 -4.46
CA SER D 12 -8.03 11.31 -4.14
C SER D 12 -8.69 12.69 -4.01
N ALA D 13 -7.97 13.62 -3.39
CA ALA D 13 -8.41 15.02 -3.30
C ALA D 13 -8.97 15.55 -4.62
N LYS D 14 -8.25 15.25 -5.70
CA LYS D 14 -8.61 15.71 -7.02
C LYS D 14 -9.92 15.06 -7.56
N GLU D 15 -10.04 13.73 -7.41
CA GLU D 15 -11.26 13.04 -7.84
C GLU D 15 -12.47 13.63 -7.12
N ILE D 16 -12.29 13.96 -5.84
CA ILE D 16 -13.36 14.49 -5.00
C ILE D 16 -13.73 15.95 -5.35
N LEU D 17 -12.72 16.74 -5.69
CA LEU D 17 -12.90 18.14 -6.06
C LEU D 17 -13.72 18.24 -7.34
N GLU D 18 -13.37 17.40 -8.30
CA GLU D 18 -13.93 17.45 -9.66
C GLU D 18 -15.21 16.65 -9.84
N LYS D 19 -15.55 15.81 -8.86
CA LYS D 19 -16.71 14.91 -8.92
C LYS D 19 -18.03 15.65 -9.09
N GLU D 20 -18.72 15.32 -10.18
CA GLU D 20 -19.97 15.94 -10.60
C GLU D 20 -21.11 14.95 -10.35
N PHE D 21 -21.81 15.13 -9.24
CA PHE D 21 -22.91 14.24 -8.91
C PHE D 21 -24.08 14.55 -9.82
N LYS D 22 -24.84 13.51 -10.15
CA LYS D 22 -26.06 13.70 -10.93
C LYS D 22 -27.04 14.35 -10.01
N THR D 23 -28.05 14.94 -10.61
CA THR D 23 -29.12 15.58 -9.87
C THR D 23 -30.30 14.61 -9.63
N GLY D 24 -30.95 14.71 -8.48
CA GLY D 24 -32.13 13.90 -8.13
C GLY D 24 -33.35 14.72 -7.71
N VAL D 25 -34.45 14.04 -7.41
CA VAL D 25 -35.77 14.65 -7.28
C VAL D 25 -36.17 14.96 -5.82
N ARG D 26 -35.39 14.53 -4.85
CA ARG D 26 -35.43 15.13 -3.51
C ARG D 26 -33.99 14.94 -3.02
N GLY D 27 -33.08 15.46 -3.81
CA GLY D 27 -31.68 15.30 -3.57
C GLY D 27 -31.14 16.15 -2.44
N TYR D 28 -29.90 15.84 -2.08
CA TYR D 28 -29.18 16.61 -1.08
C TYR D 28 -28.87 18.02 -1.58
N LYS D 29 -29.05 19.00 -0.72
CA LYS D 29 -28.76 20.40 -1.01
C LYS D 29 -27.29 20.52 -1.38
N GLN D 30 -26.99 21.10 -2.54
CA GLN D 30 -25.61 21.17 -3.05
C GLN D 30 -24.63 21.84 -2.09
N GLU D 31 -25.04 22.96 -1.54
CA GLU D 31 -24.22 23.74 -0.65
C GLU D 31 -23.71 22.97 0.57
N ASP D 32 -24.60 22.22 1.23
CA ASP D 32 -24.25 21.48 2.43
C ASP D 32 -23.24 20.39 2.10
N VAL D 33 -23.46 19.73 0.96
CA VAL D 33 -22.61 18.63 0.49
C VAL D 33 -21.22 19.13 0.12
N ASP D 34 -21.15 20.17 -0.73
CA ASP D 34 -19.88 20.83 -1.10
C ASP D 34 -19.04 21.27 0.14
N LYS D 35 -19.67 21.95 1.09
CA LYS D 35 -19.01 22.37 2.33
C LYS D 35 -18.37 21.22 3.09
N PHE D 36 -19.08 20.11 3.14
CA PHE D 36 -18.57 18.90 3.78
C PHE D 36 -17.43 18.28 2.96
N LEU D 37 -17.60 18.14 1.65
CA LEU D 37 -16.52 17.64 0.77
C LEU D 37 -15.30 18.52 0.84
N ASP D 38 -15.50 19.80 1.05
CA ASP D 38 -14.39 20.71 1.17
C ASP D 38 -13.46 20.32 2.30
N MET D 39 -14.03 20.00 3.47
CA MET D 39 -13.25 19.62 4.66
C MET D 39 -12.51 18.29 4.43
N ILE D 40 -13.23 17.33 3.86
CA ILE D 40 -12.73 16.00 3.46
C ILE D 40 -11.53 16.07 2.52
N ILE D 41 -11.55 17.02 1.59
CA ILE D 41 -10.45 17.19 0.63
C ILE D 41 -9.16 17.57 1.34
N LYS D 42 -9.29 18.41 2.36
CA LYS D 42 -8.14 18.91 3.09
C LYS D 42 -7.52 17.76 3.88
N ASP D 43 -8.39 16.95 4.46
CA ASP D 43 -7.98 15.76 5.15
C ASP D 43 -7.22 14.70 4.31
N TYR D 44 -7.47 14.63 3.00
CA TYR D 44 -6.61 13.81 2.12
C TYR D 44 -5.22 14.42 2.02
N GLU D 45 -5.14 15.74 1.94
CA GLU D 45 -3.86 16.45 1.93
C GLU D 45 -3.18 16.41 3.30
N THR D 46 -3.95 16.56 4.38
CA THR D 46 -3.44 16.45 5.75
C THR D 46 -2.84 15.05 5.99
N PHE D 47 -3.54 14.01 5.52
CA PHE D 47 -3.09 12.61 5.69
C PHE D 47 -1.87 12.28 4.82
N HIS D 48 -1.76 12.85 3.63
CA HIS D 48 -0.59 12.53 2.79
C HIS D 48 0.71 13.06 3.38
N GLN D 49 0.76 14.36 3.67
CA GLN D 49 1.96 14.93 4.32
C GLN D 49 2.20 14.42 5.74
N GLU D 50 1.19 13.83 6.37
CA GLU D 50 1.41 13.09 7.61
C GLU D 50 2.23 11.82 7.30
N ILE D 51 1.85 11.08 6.26
CA ILE D 51 2.58 9.88 5.82
C ILE D 51 3.99 10.21 5.31
N GLU D 52 4.12 11.18 4.41
CA GLU D 52 5.40 11.49 3.74
C GLU D 52 6.53 11.84 4.73
N GLU D 53 6.17 12.53 5.80
CA GLU D 53 7.08 12.78 6.93
C GLU D 53 7.51 11.51 7.68
N LEU D 54 6.57 10.59 7.93
CA LEU D 54 6.90 9.27 8.50
C LEU D 54 7.63 8.37 7.47
#